data_9F81
#
_entry.id   9F81
#
_cell.length_a   65.177
_cell.length_b   65.177
_cell.length_c   180.349
_cell.angle_alpha   90.00
_cell.angle_beta   90.00
_cell.angle_gamma   120.00
#
_symmetry.space_group_name_H-M   'P 32'
#
loop_
_entity.id
_entity.type
_entity.pdbx_description
1 polymer 'Serine/threonine-protein kinase RIO2'
2 non-polymer N-(4-quinazolin-4-ylphenyl)propanamide
3 water water
#
_entity_poly.entity_id   1
_entity_poly.type   'polypeptide(L)'
_entity_poly.pdbx_seq_one_letter_code
;SMGKVNVAKLRYMSRDDFRVLTAVEMGMKNHEIVPGSLIASIASLKHGGCNKVLRELVKHKLIAWERTKTVQGYRLTNAG
YDYLALKTLSSRQVVESVGNQMGVGKESDIYIVANEEGQQFALKLHRLGRTSFRNLKNKRDYHKYRHNVSWLYLSRLSAM
KEFAYMKALYERKFPVPKPIDYNRHAVVMELINGYPLCQIHHVEDPASVYDEAMELIVKLANHGLIHGDFNEFNLILDES
DHITMIDFPQMVSTSHPNAEWYFDRDVKCIKDFFMKRFSYESELFPTFKDIRREDTLDVEVSASGYTKEMQADDELLHPL
GPDDKNIETK
;
_entity_poly.pdbx_strand_id   A,G
#
loop_
_chem_comp.id
_chem_comp.type
_chem_comp.name
_chem_comp.formula
A1IBA non-polymer N-(4-quinazolin-4-ylphenyl)propanamide 'C17 H15 N3 O'
#
# COMPACT_ATOMS: atom_id res chain seq x y z
N VAL A 7 -8.84 10.46 10.33
CA VAL A 7 -8.35 11.60 9.48
C VAL A 7 -9.54 12.53 9.19
N ALA A 8 -10.16 12.45 8.01
CA ALA A 8 -11.00 13.53 7.49
C ALA A 8 -12.48 13.32 7.82
N LYS A 9 -13.12 14.38 8.34
CA LYS A 9 -14.55 14.42 8.62
C LYS A 9 -15.35 14.83 7.39
N LEU A 10 -16.63 14.43 7.35
CA LEU A 10 -17.54 14.66 6.24
C LEU A 10 -17.37 16.05 5.61
N ARG A 11 -17.23 16.07 4.26
CA ARG A 11 -17.03 17.29 3.50
C ARG A 11 -18.34 18.05 3.34
N TYR A 12 -18.47 19.15 4.10
CA TYR A 12 -19.64 20.01 4.05
C TYR A 12 -19.95 20.46 2.61
N MET A 13 -21.26 20.56 2.35
CA MET A 13 -21.85 20.87 1.06
C MET A 13 -23.36 20.91 1.30
N SER A 14 -24.10 21.78 0.59
CA SER A 14 -25.52 22.01 0.88
C SER A 14 -26.37 20.91 0.26
N ARG A 15 -27.57 20.69 0.83
CA ARG A 15 -28.56 19.82 0.23
C ARG A 15 -28.75 20.19 -1.23
N ASP A 16 -28.64 21.49 -1.52
CA ASP A 16 -28.83 22.03 -2.86
C ASP A 16 -27.77 21.50 -3.81
N ASP A 17 -26.49 21.57 -3.42
CA ASP A 17 -25.45 20.90 -4.18
C ASP A 17 -25.82 19.43 -4.31
N PHE A 18 -26.14 18.83 -3.17
CA PHE A 18 -26.25 17.40 -3.07
C PHE A 18 -27.41 16.92 -3.95
N ARG A 19 -28.60 17.46 -3.75
CA ARG A 19 -29.79 16.97 -4.45
C ARG A 19 -29.64 17.16 -5.96
N VAL A 20 -28.96 18.24 -6.38
CA VAL A 20 -28.69 18.44 -7.80
C VAL A 20 -27.78 17.31 -8.29
N LEU A 21 -26.63 17.14 -7.62
CA LEU A 21 -25.74 16.06 -7.94
C LEU A 21 -26.58 14.80 -8.15
N THR A 22 -27.46 14.52 -7.19
CA THR A 22 -28.32 13.34 -7.26
C THR A 22 -29.15 13.40 -8.52
N ALA A 23 -29.72 14.57 -8.81
CA ALA A 23 -30.44 14.79 -10.07
C ALA A 23 -29.57 14.35 -11.25
N VAL A 24 -28.31 14.78 -11.27
CA VAL A 24 -27.40 14.34 -12.29
C VAL A 24 -27.25 12.82 -12.21
N GLU A 25 -27.28 12.24 -11.00
CA GLU A 25 -27.26 10.80 -10.91
C GLU A 25 -28.45 10.27 -11.71
N MET A 26 -29.65 10.55 -11.20
CA MET A 26 -30.89 10.05 -11.79
C MET A 26 -30.92 10.22 -13.31
N GLY A 27 -30.39 11.33 -13.83
CA GLY A 27 -30.48 11.62 -15.26
C GLY A 27 -29.68 10.65 -16.13
N MET A 28 -28.53 10.20 -15.60
CA MET A 28 -27.58 9.46 -16.42
C MET A 28 -28.17 8.09 -16.70
N LYS A 29 -28.98 7.67 -15.73
CA LYS A 29 -29.90 6.55 -15.79
C LYS A 29 -30.52 6.38 -17.19
N ASN A 30 -31.19 7.45 -17.69
CA ASN A 30 -31.93 7.42 -18.93
C ASN A 30 -31.31 8.33 -20.01
N HIS A 31 -30.13 8.92 -19.71
CA HIS A 31 -29.45 9.81 -20.66
C HIS A 31 -27.95 9.77 -20.42
N GLU A 32 -27.17 9.55 -21.50
CA GLU A 32 -25.72 9.64 -21.47
C GLU A 32 -25.24 11.01 -21.03
N ILE A 33 -25.74 12.07 -21.69
CA ILE A 33 -25.39 13.45 -21.40
C ILE A 33 -26.66 14.22 -21.05
N VAL A 34 -26.78 14.63 -19.79
CA VAL A 34 -28.04 15.06 -19.21
C VAL A 34 -28.12 16.59 -19.14
N PRO A 35 -29.26 17.22 -19.54
CA PRO A 35 -29.40 18.68 -19.53
C PRO A 35 -30.00 19.29 -18.27
N GLY A 36 -29.57 20.53 -18.02
CA GLY A 36 -29.92 21.26 -16.81
C GLY A 36 -31.43 21.31 -16.58
N SER A 37 -32.19 21.40 -17.68
CA SER A 37 -33.64 21.44 -17.61
C SER A 37 -34.14 20.27 -16.78
N LEU A 38 -33.80 19.04 -17.21
CA LEU A 38 -34.16 17.84 -16.48
C LEU A 38 -33.53 17.90 -15.09
N ILE A 39 -32.25 18.23 -15.08
CA ILE A 39 -31.55 18.27 -13.83
C ILE A 39 -32.40 19.06 -12.84
N ALA A 40 -32.86 20.25 -13.27
CA ALA A 40 -33.61 21.20 -12.47
C ALA A 40 -35.01 20.69 -12.14
N SER A 41 -35.65 20.06 -13.13
CA SER A 41 -36.94 19.42 -12.93
C SER A 41 -36.85 18.46 -11.75
N ILE A 42 -36.10 17.38 -11.99
CA ILE A 42 -35.77 16.40 -10.97
C ILE A 42 -35.49 17.16 -9.68
N ALA A 43 -34.57 18.12 -9.79
CA ALA A 43 -33.97 18.82 -8.67
C ALA A 43 -35.01 19.22 -7.62
N SER A 44 -36.16 19.75 -8.06
CA SER A 44 -37.19 20.17 -7.11
C SER A 44 -38.55 19.56 -7.49
N CYS A 50 -30.17 26.83 -8.92
CA CYS A 50 -29.83 25.58 -9.65
C CYS A 50 -28.59 25.79 -10.52
N ASN A 51 -28.66 26.78 -11.41
CA ASN A 51 -27.66 26.95 -12.45
C ASN A 51 -26.33 27.39 -11.86
N LYS A 52 -26.37 28.05 -10.69
CA LYS A 52 -25.17 28.40 -9.95
C LYS A 52 -24.53 27.15 -9.36
N VAL A 53 -25.35 26.37 -8.64
CA VAL A 53 -24.97 25.04 -8.15
C VAL A 53 -24.13 24.37 -9.23
N LEU A 54 -24.69 24.28 -10.44
CA LEU A 54 -24.04 23.61 -11.55
C LEU A 54 -22.65 24.19 -11.76
N ARG A 55 -22.52 25.52 -11.82
CA ARG A 55 -21.22 26.14 -11.99
C ARG A 55 -20.27 25.65 -10.91
N GLU A 56 -20.71 25.68 -9.65
CA GLU A 56 -19.89 25.27 -8.52
C GLU A 56 -19.52 23.79 -8.60
N LEU A 57 -20.47 22.96 -9.03
CA LEU A 57 -20.21 21.54 -9.17
C LEU A 57 -19.18 21.34 -10.26
N VAL A 58 -19.35 22.01 -11.41
CA VAL A 58 -18.38 21.90 -12.49
C VAL A 58 -17.05 22.53 -12.04
N LYS A 59 -17.12 23.46 -11.08
CA LYS A 59 -15.94 24.13 -10.55
C LYS A 59 -15.15 23.10 -9.76
N HIS A 60 -15.83 22.53 -8.76
CA HIS A 60 -15.25 21.54 -7.86
C HIS A 60 -14.90 20.25 -8.61
N LYS A 61 -15.40 20.07 -9.84
CA LYS A 61 -15.06 18.92 -10.67
C LYS A 61 -15.86 17.70 -10.25
N LEU A 62 -17.00 17.92 -9.58
CA LEU A 62 -17.90 16.84 -9.21
C LEU A 62 -18.74 16.43 -10.41
N ILE A 63 -18.91 17.33 -11.38
CA ILE A 63 -19.52 16.99 -12.63
C ILE A 63 -18.69 17.61 -13.74
N ALA A 64 -19.08 17.23 -14.96
CA ALA A 64 -18.39 17.60 -16.18
C ALA A 64 -19.42 17.68 -17.30
N TRP A 65 -19.19 18.60 -18.23
CA TRP A 65 -20.19 18.98 -19.22
C TRP A 65 -19.62 18.73 -20.61
N GLU A 66 -20.46 18.16 -21.49
CA GLU A 66 -20.07 17.89 -22.86
C GLU A 66 -21.21 18.25 -23.82
N ARG A 67 -20.82 18.93 -24.90
CA ARG A 67 -21.65 19.09 -26.08
C ARG A 67 -21.09 18.16 -27.16
N THR A 68 -21.96 17.29 -27.70
CA THR A 68 -21.57 16.33 -28.73
C THR A 68 -21.84 16.94 -30.10
N LYS A 69 -21.99 16.09 -31.13
CA LYS A 69 -22.59 16.51 -32.38
C LYS A 69 -24.06 16.86 -32.14
N THR A 70 -24.73 16.11 -31.25
CA THR A 70 -26.18 16.10 -31.16
C THR A 70 -26.72 16.51 -29.77
N VAL A 71 -25.93 16.31 -28.70
CA VAL A 71 -26.44 16.43 -27.34
C VAL A 71 -25.69 17.53 -26.59
N GLN A 72 -26.29 18.09 -25.54
CA GLN A 72 -25.70 19.22 -24.81
C GLN A 72 -26.13 19.21 -23.33
N GLY A 73 -25.19 18.92 -22.42
CA GLY A 73 -25.52 18.79 -21.00
C GLY A 73 -24.37 18.25 -20.14
N TYR A 74 -24.72 17.63 -19.01
CA TYR A 74 -23.78 17.34 -17.92
C TYR A 74 -23.69 15.85 -17.56
N ARG A 75 -22.48 15.41 -17.20
CA ARG A 75 -22.19 14.06 -16.73
C ARG A 75 -21.80 14.11 -15.25
N LEU A 76 -21.61 12.92 -14.66
CA LEU A 76 -21.08 12.75 -13.31
C LEU A 76 -19.61 12.32 -13.41
N THR A 77 -18.75 12.98 -12.64
CA THR A 77 -17.35 12.60 -12.51
C THR A 77 -17.24 11.63 -11.34
N ASN A 78 -16.13 10.87 -11.28
CA ASN A 78 -15.93 9.86 -10.24
C ASN A 78 -15.97 10.53 -8.85
N ALA A 79 -15.36 11.73 -8.78
CA ALA A 79 -15.45 12.55 -7.60
C ALA A 79 -16.91 12.77 -7.20
N GLY A 80 -17.72 13.10 -8.20
CA GLY A 80 -19.15 13.21 -7.97
C GLY A 80 -19.65 12.01 -7.20
N TYR A 81 -19.58 10.87 -7.89
CA TYR A 81 -20.06 9.57 -7.43
C TYR A 81 -19.46 9.23 -6.07
N ASP A 82 -18.14 9.36 -5.97
CA ASP A 82 -17.45 9.18 -4.70
C ASP A 82 -18.24 9.82 -3.57
N TYR A 83 -18.56 11.11 -3.69
CA TYR A 83 -19.26 11.85 -2.63
C TYR A 83 -20.61 11.23 -2.33
N LEU A 84 -21.40 11.11 -3.42
CA LEU A 84 -22.72 10.53 -3.34
C LEU A 84 -22.63 9.31 -2.42
N ALA A 85 -21.65 8.46 -2.71
CA ALA A 85 -21.48 7.23 -1.98
C ALA A 85 -21.23 7.51 -0.50
N LEU A 86 -20.31 8.43 -0.23
CA LEU A 86 -19.86 8.64 1.14
C LEU A 86 -20.97 9.29 1.96
N LYS A 87 -21.71 10.19 1.31
CA LYS A 87 -22.84 10.84 1.95
C LYS A 87 -23.84 9.77 2.37
N THR A 88 -24.20 8.89 1.43
CA THR A 88 -25.09 7.78 1.69
C THR A 88 -24.58 7.00 2.90
N LEU A 89 -23.30 6.62 2.83
CA LEU A 89 -22.75 5.74 3.84
C LEU A 89 -22.67 6.50 5.17
N SER A 90 -22.43 7.82 5.08
CA SER A 90 -22.41 8.66 6.28
C SER A 90 -23.77 8.58 6.96
N SER A 91 -24.85 8.76 6.20
CA SER A 91 -26.20 8.58 6.69
C SER A 91 -26.33 7.32 7.56
N ARG A 92 -25.82 6.19 7.06
CA ARG A 92 -26.07 4.89 7.69
C ARG A 92 -25.10 4.63 8.84
N GLN A 93 -24.26 5.62 9.18
CA GLN A 93 -23.37 5.56 10.33
C GLN A 93 -22.09 4.81 10.02
N VAL A 94 -22.03 4.14 8.86
CA VAL A 94 -20.98 3.17 8.60
C VAL A 94 -19.62 3.88 8.62
N VAL A 95 -19.51 5.03 7.94
CA VAL A 95 -18.26 5.79 7.83
C VAL A 95 -18.47 7.25 8.21
N GLU A 96 -17.55 7.82 9.00
CA GLU A 96 -17.58 9.23 9.34
C GLU A 96 -16.30 9.91 8.87
N SER A 97 -15.25 9.12 8.68
CA SER A 97 -13.88 9.60 8.62
C SER A 97 -13.11 8.79 7.59
N VAL A 98 -12.25 9.45 6.79
CA VAL A 98 -11.58 8.76 5.68
C VAL A 98 -10.08 9.04 5.72
N GLY A 99 -9.29 7.98 5.94
CA GLY A 99 -7.85 8.04 6.07
C GLY A 99 -7.17 8.15 4.71
N ASN A 100 -6.05 7.45 4.55
CA ASN A 100 -5.31 7.52 3.30
C ASN A 100 -5.72 6.36 2.39
N GLN A 101 -5.61 6.61 1.08
CA GLN A 101 -5.50 5.54 0.11
C GLN A 101 -4.32 4.67 0.53
N MET A 102 -4.63 3.43 0.88
CA MET A 102 -3.61 2.45 1.14
C MET A 102 -2.95 2.03 -0.17
N GLY A 103 -3.73 1.82 -1.22
CA GLY A 103 -3.14 1.47 -2.50
C GLY A 103 -4.16 1.35 -3.62
N VAL A 104 -3.69 0.80 -4.74
CA VAL A 104 -4.53 0.56 -5.89
C VAL A 104 -4.74 -0.95 -6.04
N GLY A 105 -5.94 -1.39 -6.41
CA GLY A 105 -6.20 -2.79 -6.68
C GLY A 105 -6.27 -3.04 -8.18
N LYS A 106 -6.81 -4.21 -8.58
CA LYS A 106 -6.90 -4.57 -9.99
C LYS A 106 -7.47 -3.39 -10.78
N GLU A 107 -8.68 -2.93 -10.41
CA GLU A 107 -9.34 -1.79 -11.04
C GLU A 107 -10.15 -1.06 -9.96
N SER A 108 -9.48 -0.65 -8.89
CA SER A 108 -10.15 -0.01 -7.75
C SER A 108 -9.19 0.83 -6.90
N ASP A 109 -9.74 1.50 -5.88
CA ASP A 109 -8.95 2.22 -4.90
C ASP A 109 -9.41 1.81 -3.51
N ILE A 110 -8.45 1.65 -2.58
CA ILE A 110 -8.73 1.16 -1.24
C ILE A 110 -8.26 2.21 -0.24
N TYR A 111 -9.15 2.63 0.67
CA TYR A 111 -8.83 3.65 1.66
C TYR A 111 -9.08 3.11 3.06
N ILE A 112 -8.42 3.69 4.04
CA ILE A 112 -8.79 3.43 5.42
C ILE A 112 -9.94 4.38 5.75
N VAL A 113 -10.95 3.88 6.43
CA VAL A 113 -12.05 4.74 6.85
C VAL A 113 -12.46 4.33 8.25
N ALA A 114 -13.25 5.20 8.91
CA ALA A 114 -13.78 4.87 10.22
C ALA A 114 -15.13 5.56 10.45
N ASN A 115 -15.81 5.12 11.50
CA ASN A 115 -17.08 5.69 11.91
C ASN A 115 -16.84 6.56 13.14
N GLU A 116 -17.88 7.32 13.54
CA GLU A 116 -17.80 8.19 14.71
C GLU A 116 -17.23 7.41 15.90
N GLU A 117 -17.65 6.14 16.03
CA GLU A 117 -17.42 5.35 17.24
C GLU A 117 -15.97 4.86 17.29
N GLY A 118 -15.16 5.17 16.27
CA GLY A 118 -13.71 5.01 16.35
C GLY A 118 -13.19 3.76 15.63
N GLN A 119 -14.10 2.86 15.24
CA GLN A 119 -13.75 1.63 14.56
C GLN A 119 -13.23 1.94 13.16
N GLN A 120 -12.21 1.20 12.72
CA GLN A 120 -11.56 1.44 11.44
C GLN A 120 -11.95 0.34 10.45
N PHE A 121 -12.30 0.72 9.22
CA PHE A 121 -12.66 -0.26 8.20
C PHE A 121 -11.89 -0.02 6.92
N ALA A 122 -12.11 -0.91 5.93
CA ALA A 122 -11.63 -0.65 4.59
C ALA A 122 -12.80 -0.21 3.72
N LEU A 123 -12.58 0.89 3.00
CA LEU A 123 -13.42 1.30 1.90
C LEU A 123 -12.72 0.98 0.58
N LYS A 124 -13.40 0.15 -0.22
CA LYS A 124 -12.99 -0.11 -1.58
C LYS A 124 -13.84 0.73 -2.54
N LEU A 125 -13.17 1.38 -3.49
CA LEU A 125 -13.83 2.18 -4.50
C LEU A 125 -13.49 1.64 -5.88
N HIS A 126 -14.49 0.96 -6.49
CA HIS A 126 -14.38 0.38 -7.82
C HIS A 126 -14.18 1.46 -8.87
N ARG A 127 -13.18 1.27 -9.73
CA ARG A 127 -12.93 2.13 -10.87
C ARG A 127 -12.75 1.29 -12.13
N LEU A 128 -13.83 0.91 -12.81
CA LEU A 128 -13.67 0.18 -14.06
C LEU A 128 -13.43 1.18 -15.18
N GLY A 129 -12.26 1.08 -15.83
CA GLY A 129 -11.82 2.04 -16.84
C GLY A 129 -10.30 2.03 -16.98
N ARG A 130 -9.65 0.90 -16.64
CA ARG A 130 -8.25 0.64 -16.95
C ARG A 130 -7.90 1.16 -18.34
N THR A 131 -8.79 0.93 -19.31
CA THR A 131 -8.66 1.54 -20.62
C THR A 131 -9.00 3.03 -20.56
N SER A 150 -16.03 0.73 -18.19
CA SER A 150 -15.72 2.18 -18.30
C SER A 150 -16.79 3.06 -17.64
N TRP A 151 -18.05 2.59 -17.50
CA TRP A 151 -19.12 3.39 -16.91
C TRP A 151 -19.07 3.30 -15.40
N LEU A 152 -19.70 4.28 -14.76
CA LEU A 152 -19.99 4.24 -13.34
C LEU A 152 -20.94 3.09 -13.05
N TYR A 153 -21.87 2.82 -13.98
CA TYR A 153 -22.84 1.73 -13.84
C TYR A 153 -22.12 0.41 -13.55
N LEU A 154 -21.16 0.08 -14.43
CA LEU A 154 -20.46 -1.17 -14.30
C LEU A 154 -19.86 -1.30 -12.90
N SER A 155 -19.34 -0.19 -12.41
CA SER A 155 -18.69 -0.22 -11.10
C SER A 155 -19.71 -0.45 -9.98
N ARG A 156 -20.95 0.02 -10.17
CA ARG A 156 -22.02 -0.22 -9.21
C ARG A 156 -22.30 -1.71 -9.10
N LEU A 157 -22.21 -2.42 -10.25
CA LEU A 157 -22.60 -3.83 -10.39
C LEU A 157 -21.50 -4.78 -9.94
N SER A 158 -20.25 -4.35 -10.09
CA SER A 158 -19.14 -5.09 -9.53
C SER A 158 -19.24 -5.06 -8.01
N ALA A 159 -19.49 -3.87 -7.44
CA ALA A 159 -19.67 -3.69 -6.01
C ALA A 159 -20.72 -4.66 -5.48
N MET A 160 -21.88 -4.71 -6.15
CA MET A 160 -22.92 -5.67 -5.86
C MET A 160 -22.33 -7.08 -5.80
N LYS A 161 -21.92 -7.59 -6.97
CA LYS A 161 -21.46 -8.96 -7.14
C LYS A 161 -20.51 -9.34 -6.02
N GLU A 162 -19.65 -8.38 -5.66
CA GLU A 162 -18.63 -8.63 -4.66
C GLU A 162 -19.29 -8.81 -3.32
N PHE A 163 -20.14 -7.84 -2.91
CA PHE A 163 -20.74 -7.87 -1.58
C PHE A 163 -21.40 -9.24 -1.35
N ALA A 164 -22.22 -9.64 -2.34
CA ALA A 164 -22.87 -10.93 -2.35
C ALA A 164 -21.84 -12.07 -2.27
N TYR A 165 -20.84 -12.07 -3.17
CA TYR A 165 -19.84 -13.12 -3.21
C TYR A 165 -19.15 -13.24 -1.84
N MET A 166 -18.88 -12.08 -1.19
CA MET A 166 -18.12 -12.03 0.04
C MET A 166 -18.91 -12.68 1.17
N LYS A 167 -20.21 -12.37 1.22
CA LYS A 167 -21.08 -12.96 2.22
C LYS A 167 -21.12 -14.47 2.05
N ALA A 168 -21.42 -14.94 0.85
CA ALA A 168 -21.46 -16.36 0.62
C ALA A 168 -20.22 -16.97 1.24
N LEU A 169 -19.06 -16.48 0.80
CA LEU A 169 -17.79 -17.03 1.22
C LEU A 169 -17.51 -16.76 2.69
N TYR A 170 -18.16 -15.79 3.34
CA TYR A 170 -17.82 -15.49 4.72
C TYR A 170 -18.55 -16.46 5.63
N GLU A 171 -19.85 -16.62 5.35
CA GLU A 171 -20.72 -17.49 6.13
C GLU A 171 -20.19 -18.91 6.09
N ARG A 172 -20.07 -19.48 4.89
CA ARG A 172 -19.22 -20.64 4.70
C ARG A 172 -17.82 -20.21 5.15
N LYS A 173 -17.16 -20.96 6.02
CA LYS A 173 -16.08 -20.39 6.79
C LYS A 173 -14.85 -20.26 5.90
N PHE A 174 -14.96 -19.42 4.87
CA PHE A 174 -13.83 -19.06 4.03
C PHE A 174 -13.10 -17.89 4.68
N PRO A 175 -11.80 -17.70 4.35
CA PRO A 175 -10.98 -16.62 4.91
C PRO A 175 -11.07 -15.35 4.06
N VAL A 176 -12.17 -14.63 4.27
CA VAL A 176 -12.37 -13.34 3.62
C VAL A 176 -12.81 -12.33 4.69
N PRO A 177 -12.67 -11.02 4.39
CA PRO A 177 -13.08 -9.97 5.33
C PRO A 177 -14.58 -10.09 5.56
N LYS A 178 -15.07 -9.54 6.68
CA LYS A 178 -16.50 -9.52 6.94
C LYS A 178 -17.13 -8.41 6.11
N PRO A 179 -17.89 -8.71 5.04
CA PRO A 179 -18.50 -7.67 4.24
C PRO A 179 -19.50 -6.97 5.13
N ILE A 180 -19.47 -5.64 5.12
CA ILE A 180 -20.10 -4.85 6.16
C ILE A 180 -21.29 -4.11 5.57
N ASP A 181 -21.05 -3.34 4.50
CA ASP A 181 -22.11 -2.65 3.81
C ASP A 181 -21.59 -2.33 2.40
N TYR A 182 -22.47 -1.78 1.56
CA TYR A 182 -22.03 -1.22 0.30
C TYR A 182 -23.09 -0.28 -0.27
N ASN A 183 -22.63 0.62 -1.13
CA ASN A 183 -23.52 1.50 -1.85
C ASN A 183 -22.80 2.04 -3.09
N ARG A 184 -23.50 1.99 -4.22
CA ARG A 184 -22.95 2.38 -5.49
C ARG A 184 -21.73 1.54 -5.81
N HIS A 185 -20.59 2.20 -5.97
CA HIS A 185 -19.36 1.55 -6.41
C HIS A 185 -18.45 1.32 -5.21
N ALA A 186 -19.02 1.41 -4.00
CA ALA A 186 -18.23 1.48 -2.78
C ALA A 186 -18.62 0.36 -1.82
N VAL A 187 -17.58 -0.27 -1.28
CA VAL A 187 -17.73 -1.52 -0.56
C VAL A 187 -16.93 -1.39 0.72
N VAL A 188 -17.65 -1.46 1.85
CA VAL A 188 -17.03 -1.39 3.15
C VAL A 188 -16.87 -2.83 3.63
N MET A 189 -15.70 -3.12 4.19
CA MET A 189 -15.48 -4.44 4.78
C MET A 189 -14.46 -4.34 5.90
N GLU A 190 -14.38 -5.43 6.68
CA GLU A 190 -13.57 -5.44 7.88
C GLU A 190 -12.12 -5.15 7.46
N LEU A 191 -11.42 -4.34 8.23
CA LEU A 191 -10.02 -4.10 7.96
C LEU A 191 -9.19 -5.29 8.40
N ILE A 192 -8.08 -5.55 7.70
CA ILE A 192 -7.22 -6.70 7.99
C ILE A 192 -5.85 -6.20 8.48
N ASN A 193 -5.36 -6.75 9.60
CA ASN A 193 -4.00 -6.47 10.05
C ASN A 193 -3.03 -7.31 9.23
N GLY A 194 -2.55 -6.71 8.13
CA GLY A 194 -1.67 -7.37 7.18
C GLY A 194 -1.33 -6.47 6.00
N TYR A 195 -0.22 -6.83 5.31
CA TYR A 195 0.15 -6.17 4.06
C TYR A 195 -0.30 -7.05 2.89
N PRO A 196 -0.75 -6.42 1.78
CA PRO A 196 -0.98 -7.13 0.54
C PRO A 196 0.28 -7.79 0.02
N LEU A 197 0.09 -9.02 -0.45
CA LEU A 197 1.12 -9.81 -1.08
C LEU A 197 1.84 -9.04 -2.18
N CYS A 198 1.27 -8.01 -2.82
CA CYS A 198 2.07 -7.33 -3.84
C CYS A 198 3.37 -6.76 -3.27
N GLN A 199 3.34 -6.35 -1.99
CA GLN A 199 4.46 -5.62 -1.41
C GLN A 199 5.31 -6.50 -0.50
N ILE A 200 5.04 -7.81 -0.50
CA ILE A 200 5.83 -8.74 0.28
C ILE A 200 7.02 -9.17 -0.59
N HIS A 201 8.24 -8.83 -0.15
CA HIS A 201 9.43 -9.12 -0.93
C HIS A 201 10.25 -10.25 -0.32
N HIS A 202 9.80 -10.77 0.83
CA HIS A 202 10.46 -11.89 1.46
C HIS A 202 9.61 -12.44 2.60
N VAL A 203 9.70 -13.77 2.73
CA VAL A 203 8.94 -14.53 3.69
C VAL A 203 9.82 -15.69 4.12
N GLU A 204 9.68 -16.07 5.40
CA GLU A 204 10.55 -17.06 6.01
C GLU A 204 10.07 -18.45 5.66
N ASP A 205 8.76 -18.59 5.40
CA ASP A 205 8.21 -19.89 5.04
C ASP A 205 7.50 -19.84 3.69
N PRO A 206 8.23 -19.87 2.55
CA PRO A 206 7.57 -19.86 1.24
C PRO A 206 6.58 -21.00 1.04
N ALA A 207 6.99 -22.19 1.48
CA ALA A 207 6.14 -23.35 1.32
C ALA A 207 4.80 -23.12 2.01
N SER A 208 4.84 -22.64 3.26
CA SER A 208 3.63 -22.42 4.05
C SER A 208 2.59 -21.61 3.31
N VAL A 209 3.03 -20.45 2.80
CA VAL A 209 2.11 -19.51 2.16
C VAL A 209 1.70 -20.10 0.83
N TYR A 210 2.69 -20.55 0.03
CA TYR A 210 2.43 -21.26 -1.22
C TYR A 210 1.28 -22.26 -1.05
N ASP A 211 1.32 -23.04 0.05
CA ASP A 211 0.34 -24.09 0.25
C ASP A 211 -1.00 -23.51 0.68
N GLU A 212 -1.01 -22.59 1.65
CA GLU A 212 -2.22 -21.91 2.07
C GLU A 212 -2.97 -21.36 0.86
N ALA A 213 -2.22 -20.87 -0.15
CA ALA A 213 -2.81 -20.38 -1.37
C ALA A 213 -3.38 -21.53 -2.21
N MET A 214 -2.56 -22.55 -2.50
CA MET A 214 -3.04 -23.67 -3.28
C MET A 214 -4.23 -24.33 -2.55
N GLU A 215 -4.18 -24.46 -1.22
CA GLU A 215 -5.28 -25.02 -0.46
C GLU A 215 -6.55 -24.18 -0.55
N LEU A 216 -6.42 -22.90 -0.91
CA LEU A 216 -7.55 -21.99 -1.02
C LEU A 216 -8.23 -22.14 -2.37
N ILE A 217 -7.43 -22.24 -3.44
CA ILE A 217 -7.93 -22.51 -4.78
C ILE A 217 -8.87 -23.71 -4.76
N VAL A 218 -8.45 -24.77 -4.06
CA VAL A 218 -9.19 -26.01 -4.05
C VAL A 218 -10.50 -25.77 -3.29
N LYS A 219 -10.41 -25.31 -2.03
CA LYS A 219 -11.62 -25.09 -1.24
C LYS A 219 -12.67 -24.34 -2.07
N LEU A 220 -12.21 -23.47 -2.99
CA LEU A 220 -13.08 -22.70 -3.88
C LEU A 220 -13.79 -23.62 -4.86
N ALA A 221 -12.99 -24.29 -5.69
CA ALA A 221 -13.47 -25.26 -6.66
C ALA A 221 -14.45 -26.24 -6.01
N ASN A 222 -14.11 -26.73 -4.81
CA ASN A 222 -14.92 -27.67 -4.08
C ASN A 222 -16.29 -27.08 -3.69
N HIS A 223 -16.46 -25.76 -3.83
CA HIS A 223 -17.80 -25.21 -3.74
C HIS A 223 -18.31 -24.79 -5.11
N GLY A 224 -17.56 -25.11 -6.17
CA GLY A 224 -18.01 -24.93 -7.54
C GLY A 224 -17.36 -23.75 -8.26
N LEU A 225 -16.32 -23.15 -7.65
CA LEU A 225 -15.81 -21.84 -8.03
C LEU A 225 -14.33 -21.86 -8.41
N ILE A 226 -14.04 -21.35 -9.61
CA ILE A 226 -12.70 -20.95 -10.01
C ILE A 226 -12.73 -19.43 -10.18
N HIS A 227 -11.72 -18.73 -9.62
CA HIS A 227 -11.73 -17.28 -9.54
C HIS A 227 -11.65 -16.64 -10.93
N GLY A 228 -10.57 -16.95 -11.66
CA GLY A 228 -10.43 -16.55 -13.05
C GLY A 228 -9.24 -15.62 -13.25
N ASP A 229 -9.06 -14.66 -12.33
CA ASP A 229 -7.94 -13.73 -12.41
C ASP A 229 -7.15 -13.79 -11.10
N PHE A 230 -6.80 -15.01 -10.66
CA PHE A 230 -6.16 -15.17 -9.36
C PHE A 230 -4.71 -14.73 -9.46
N ASN A 231 -4.37 -13.64 -8.78
CA ASN A 231 -3.03 -13.08 -8.77
C ASN A 231 -2.68 -12.70 -7.34
N GLU A 232 -1.46 -12.22 -7.14
CA GLU A 232 -1.02 -11.66 -5.87
C GLU A 232 -2.02 -10.65 -5.28
N PHE A 233 -2.74 -9.91 -6.14
CA PHE A 233 -3.60 -8.83 -5.68
C PHE A 233 -4.81 -9.39 -4.95
N ASN A 234 -4.95 -10.72 -4.93
CA ASN A 234 -6.12 -11.35 -4.35
C ASN A 234 -5.80 -11.84 -2.93
N LEU A 235 -4.57 -11.61 -2.47
CA LEU A 235 -4.15 -12.17 -1.19
C LEU A 235 -3.52 -11.11 -0.27
N ILE A 236 -3.94 -11.18 0.99
CA ILE A 236 -3.32 -10.44 2.09
C ILE A 236 -2.56 -11.44 2.96
N LEU A 237 -1.50 -10.98 3.63
CA LEU A 237 -0.79 -11.79 4.62
C LEU A 237 -0.80 -11.02 5.94
N ASP A 238 -1.18 -11.70 7.02
CA ASP A 238 -1.27 -11.06 8.33
C ASP A 238 0.12 -11.14 8.99
N GLU A 239 0.20 -10.65 10.23
CA GLU A 239 1.47 -10.58 10.96
C GLU A 239 2.01 -11.98 11.21
N SER A 240 1.13 -12.97 11.31
CA SER A 240 1.52 -14.37 11.47
C SER A 240 1.59 -15.08 10.11
N ASP A 241 1.39 -14.33 9.02
CA ASP A 241 1.62 -14.78 7.64
C ASP A 241 0.49 -15.71 7.18
N HIS A 242 -0.69 -15.61 7.80
CA HIS A 242 -1.87 -16.34 7.35
C HIS A 242 -2.67 -15.48 6.36
N ILE A 243 -3.27 -16.17 5.38
CA ILE A 243 -3.79 -15.55 4.16
C ILE A 243 -5.26 -15.13 4.27
N THR A 244 -5.62 -14.11 3.46
CA THR A 244 -7.01 -13.67 3.29
C THR A 244 -7.25 -13.26 1.83
N MET A 245 -8.45 -13.53 1.30
CA MET A 245 -8.74 -13.28 -0.11
C MET A 245 -9.51 -11.95 -0.23
N ILE A 246 -9.32 -11.19 -1.33
CA ILE A 246 -9.90 -9.86 -1.36
C ILE A 246 -10.66 -9.51 -2.64
N ASP A 247 -10.20 -9.88 -3.83
CA ASP A 247 -10.85 -9.34 -5.02
C ASP A 247 -11.77 -10.41 -5.61
N PHE A 248 -13.08 -10.14 -5.67
CA PHE A 248 -14.07 -11.15 -6.06
C PHE A 248 -14.95 -10.63 -7.20
N PRO A 249 -14.47 -10.71 -8.46
CA PRO A 249 -15.31 -10.43 -9.62
C PRO A 249 -16.23 -11.60 -9.97
N GLN A 250 -16.93 -11.51 -11.09
CA GLN A 250 -17.63 -12.66 -11.65
C GLN A 250 -16.63 -13.82 -11.76
N MET A 251 -16.96 -14.93 -11.10
CA MET A 251 -16.11 -16.10 -11.12
C MET A 251 -16.67 -17.09 -12.15
N VAL A 252 -15.99 -18.23 -12.30
CA VAL A 252 -16.40 -19.26 -13.24
C VAL A 252 -16.86 -20.47 -12.43
N SER A 253 -17.88 -21.18 -12.94
CA SER A 253 -18.33 -22.40 -12.30
C SER A 253 -17.42 -23.55 -12.73
N THR A 254 -17.27 -24.55 -11.85
CA THR A 254 -16.44 -25.70 -12.16
C THR A 254 -17.12 -26.58 -13.21
N SER A 255 -18.39 -26.31 -13.53
CA SER A 255 -19.07 -27.01 -14.62
C SER A 255 -19.04 -26.17 -15.88
N HIS A 256 -18.16 -25.18 -15.93
CA HIS A 256 -17.97 -24.39 -17.14
C HIS A 256 -17.25 -25.25 -18.17
N PRO A 257 -17.56 -25.08 -19.47
CA PRO A 257 -16.84 -25.75 -20.56
C PRO A 257 -15.32 -25.76 -20.36
N ASN A 258 -14.75 -24.60 -20.08
CA ASN A 258 -13.31 -24.47 -20.01
C ASN A 258 -12.84 -24.36 -18.56
N ALA A 259 -13.68 -24.78 -17.61
CA ALA A 259 -13.33 -24.74 -16.19
C ALA A 259 -11.83 -25.02 -16.01
N GLU A 260 -11.36 -26.18 -16.48
CA GLU A 260 -9.98 -26.59 -16.32
C GLU A 260 -9.02 -25.45 -16.66
N TRP A 261 -9.00 -25.06 -17.94
CA TRP A 261 -8.07 -24.03 -18.39
C TRP A 261 -7.92 -22.95 -17.31
N TYR A 262 -9.08 -22.47 -16.86
CA TYR A 262 -9.14 -21.44 -15.82
C TYR A 262 -8.36 -21.91 -14.60
N PHE A 263 -8.83 -23.00 -13.99
CA PHE A 263 -8.13 -23.64 -12.90
C PHE A 263 -6.64 -23.62 -13.20
N ASP A 264 -6.26 -24.16 -14.37
CA ASP A 264 -4.87 -24.21 -14.78
C ASP A 264 -4.21 -22.86 -14.57
N ARG A 265 -4.82 -21.79 -15.07
CA ARG A 265 -4.24 -20.44 -15.02
C ARG A 265 -4.04 -20.01 -13.58
N ASP A 266 -5.13 -20.05 -12.79
CA ASP A 266 -5.10 -19.62 -11.41
C ASP A 266 -3.87 -20.21 -10.71
N VAL A 267 -3.70 -21.52 -10.83
CA VAL A 267 -2.55 -22.18 -10.24
C VAL A 267 -1.26 -21.64 -10.89
N LYS A 268 -1.16 -21.70 -12.22
CA LYS A 268 0.02 -21.26 -12.94
C LYS A 268 0.51 -19.89 -12.45
N CYS A 269 -0.39 -18.89 -12.44
CA CYS A 269 -0.03 -17.54 -11.97
C CYS A 269 0.70 -17.62 -10.64
N ILE A 270 -0.01 -18.15 -9.62
CA ILE A 270 0.50 -18.19 -8.27
C ILE A 270 1.91 -18.79 -8.26
N LYS A 271 2.08 -19.93 -8.93
CA LYS A 271 3.37 -20.59 -9.04
C LYS A 271 4.42 -19.59 -9.49
N ASP A 272 4.12 -18.83 -10.56
CA ASP A 272 5.06 -17.89 -11.12
C ASP A 272 5.45 -16.86 -10.07
N PHE A 273 4.46 -16.21 -9.44
CA PHE A 273 4.76 -15.16 -8.48
C PHE A 273 5.74 -15.67 -7.41
N PHE A 274 5.48 -16.87 -6.88
CA PHE A 274 6.34 -17.42 -5.85
C PHE A 274 7.74 -17.66 -6.40
N MET A 275 7.81 -18.22 -7.59
CA MET A 275 9.08 -18.49 -8.25
C MET A 275 9.81 -17.18 -8.54
N LYS A 276 9.10 -16.09 -8.83
CA LYS A 276 9.73 -14.83 -9.19
C LYS A 276 10.05 -14.00 -7.94
N ARG A 277 9.13 -13.98 -6.97
CA ARG A 277 9.28 -13.08 -5.83
C ARG A 277 10.13 -13.77 -4.77
N PHE A 278 9.71 -14.97 -4.37
CA PHE A 278 10.35 -15.66 -3.27
C PHE A 278 11.35 -16.68 -3.80
N SER A 279 11.32 -16.94 -5.12
CA SER A 279 12.07 -18.05 -5.70
C SER A 279 11.72 -19.33 -4.97
N TYR A 280 10.41 -19.59 -4.81
CA TYR A 280 9.93 -20.85 -4.27
C TYR A 280 9.21 -21.66 -5.35
N GLU A 281 9.59 -22.93 -5.50
CA GLU A 281 8.98 -23.84 -6.47
C GLU A 281 8.65 -25.18 -5.80
N SER A 282 7.51 -25.75 -6.19
CA SER A 282 7.04 -27.03 -5.66
C SER A 282 6.31 -27.78 -6.75
N GLU A 283 6.64 -29.06 -6.94
CA GLU A 283 5.92 -29.88 -7.89
C GLU A 283 4.57 -30.28 -7.31
N LEU A 284 4.27 -29.81 -6.10
CA LEU A 284 2.95 -29.97 -5.52
C LEU A 284 2.04 -28.81 -5.95
N PHE A 285 1.58 -28.85 -7.20
CA PHE A 285 0.54 -27.95 -7.65
C PHE A 285 -0.73 -28.78 -7.90
N PRO A 286 -1.90 -28.34 -7.41
CA PRO A 286 -3.15 -29.09 -7.55
C PRO A 286 -3.65 -29.17 -9.00
N THR A 287 -4.49 -30.18 -9.28
CA THR A 287 -5.05 -30.43 -10.61
C THR A 287 -6.57 -30.56 -10.49
N PHE A 288 -7.27 -30.48 -11.62
CA PHE A 288 -8.73 -30.45 -11.63
C PHE A 288 -9.31 -31.69 -10.98
N LYS A 289 -8.66 -32.85 -11.23
CA LYS A 289 -9.09 -34.13 -10.67
C LYS A 289 -9.39 -33.98 -9.18
N ASP A 290 -8.56 -33.20 -8.48
CA ASP A 290 -8.64 -33.11 -7.03
C ASP A 290 -10.00 -32.60 -6.58
N ILE A 291 -10.72 -31.91 -7.48
CA ILE A 291 -11.96 -31.25 -7.12
C ILE A 291 -13.06 -32.27 -6.81
N ARG A 292 -13.63 -32.15 -5.60
CA ARG A 292 -14.71 -32.99 -5.14
C ARG A 292 -15.86 -32.14 -4.62
N ARG A 293 -16.78 -31.80 -5.55
CA ARG A 293 -17.84 -30.84 -5.30
C ARG A 293 -18.51 -31.14 -3.96
N GLU A 294 -18.52 -30.13 -3.08
CA GLU A 294 -19.13 -30.25 -1.76
C GLU A 294 -20.36 -29.35 -1.66
N ASP A 295 -20.48 -28.37 -2.58
CA ASP A 295 -21.46 -27.32 -2.44
C ASP A 295 -21.93 -26.91 -3.83
N THR A 296 -22.93 -26.01 -3.89
CA THR A 296 -23.43 -25.45 -5.15
C THR A 296 -23.19 -23.94 -5.21
N LEU A 297 -22.10 -23.45 -4.59
CA LEU A 297 -21.87 -22.02 -4.43
C LEU A 297 -21.99 -21.26 -5.73
N ASP A 298 -21.62 -21.89 -6.86
CA ASP A 298 -21.98 -21.41 -8.18
C ASP A 298 -23.51 -21.44 -8.20
N VAL A 299 -24.13 -20.43 -7.59
CA VAL A 299 -25.58 -20.29 -7.54
C VAL A 299 -25.85 -19.03 -8.34
N GLU A 300 -24.85 -18.63 -9.17
CA GLU A 300 -24.91 -17.38 -9.90
C GLU A 300 -23.70 -17.20 -10.83
N VAL A 301 -22.94 -18.26 -11.05
CA VAL A 301 -21.62 -18.14 -11.65
C VAL A 301 -21.59 -18.74 -13.06
N SER A 302 -20.62 -18.29 -13.88
CA SER A 302 -20.53 -18.69 -15.28
C SER A 302 -20.66 -20.21 -15.46
N ALA A 303 -21.74 -20.65 -16.14
CA ALA A 303 -22.04 -22.06 -16.41
C ALA A 303 -22.51 -22.79 -15.16
N SER A 304 -23.43 -22.19 -14.41
CA SER A 304 -24.04 -22.89 -13.30
C SER A 304 -24.75 -24.13 -13.86
N GLY A 305 -25.66 -23.91 -14.82
CA GLY A 305 -26.50 -24.96 -15.40
C GLY A 305 -26.64 -26.19 -14.50
N TYR A 306 -27.33 -26.03 -13.37
CA TYR A 306 -27.60 -27.13 -12.45
C TYR A 306 -28.10 -28.34 -13.25
N VAL B 7 27.92 7.59 21.63
CA VAL B 7 28.31 7.61 20.19
C VAL B 7 29.34 6.49 19.94
N ALA B 8 28.96 5.28 20.36
CA ALA B 8 29.73 4.06 20.31
C ALA B 8 28.75 2.99 20.76
N LYS B 9 29.20 1.83 21.25
CA LYS B 9 28.30 0.79 21.74
C LYS B 9 27.38 1.31 22.85
N LEU B 10 26.17 0.71 22.98
CA LEU B 10 25.14 1.18 23.90
C LEU B 10 25.05 0.26 25.13
N ARG B 11 23.83 -0.17 25.52
CA ARG B 11 23.64 -0.95 26.74
C ARG B 11 23.82 -2.45 26.49
N TYR B 12 24.63 -3.12 27.33
CA TYR B 12 24.74 -4.57 27.33
C TYR B 12 23.51 -5.11 28.05
N MET B 13 23.13 -6.36 27.79
CA MET B 13 21.86 -6.86 28.27
C MET B 13 21.94 -8.37 28.46
N SER B 14 21.18 -8.91 29.43
CA SER B 14 21.09 -10.36 29.61
C SER B 14 20.28 -10.99 28.48
N ARG B 15 20.68 -12.19 28.04
CA ARG B 15 19.92 -12.94 27.04
C ARG B 15 18.46 -13.03 27.49
N ASP B 16 18.25 -13.13 28.82
CA ASP B 16 16.91 -13.11 29.38
C ASP B 16 16.18 -11.84 28.96
N ASP B 17 16.79 -10.67 29.27
CA ASP B 17 16.25 -9.39 28.84
C ASP B 17 15.80 -9.51 27.39
N PHE B 18 16.70 -10.01 26.52
CA PHE B 18 16.43 -10.14 25.10
C PHE B 18 15.23 -11.08 24.89
N ARG B 19 15.28 -12.30 25.46
CA ARG B 19 14.25 -13.30 25.25
C ARG B 19 12.87 -12.72 25.58
N VAL B 20 12.80 -11.94 26.66
CA VAL B 20 11.57 -11.28 27.07
C VAL B 20 11.17 -10.26 26.01
N LEU B 21 12.09 -9.36 25.66
CA LEU B 21 11.84 -8.41 24.59
C LEU B 21 11.29 -9.18 23.39
N THR B 22 12.00 -10.26 23.00
CA THR B 22 11.59 -11.09 21.87
C THR B 22 10.16 -11.56 22.09
N ALA B 23 9.86 -12.01 23.31
CA ALA B 23 8.55 -12.52 23.66
C ALA B 23 7.49 -11.45 23.40
N VAL B 24 7.68 -10.24 23.95
CA VAL B 24 6.74 -9.15 23.71
C VAL B 24 6.45 -9.04 22.22
N GLU B 25 7.52 -8.93 21.42
CA GLU B 25 7.44 -8.93 19.97
C GLU B 25 6.58 -10.11 19.50
N MET B 26 7.06 -11.34 19.72
CA MET B 26 6.34 -12.56 19.34
C MET B 26 4.84 -12.46 19.62
N GLY B 27 4.48 -11.94 20.78
CA GLY B 27 3.09 -11.91 21.20
C GLY B 27 2.28 -10.82 20.51
N MET B 28 2.96 -9.79 20.01
CA MET B 28 2.28 -8.68 19.38
C MET B 28 1.76 -9.09 18.00
N LYS B 29 2.15 -10.29 17.55
CA LYS B 29 1.62 -10.82 16.31
C LYS B 29 0.14 -11.19 16.47
N ASN B 30 -0.25 -11.64 17.66
CA ASN B 30 -1.57 -12.19 17.92
C ASN B 30 -2.33 -11.32 18.91
N HIS B 31 -1.60 -10.56 19.70
CA HIS B 31 -2.16 -9.72 20.75
C HIS B 31 -1.43 -8.37 20.78
N GLU B 32 -2.17 -7.26 20.64
CA GLU B 32 -1.56 -5.94 20.74
C GLU B 32 -0.82 -5.72 22.07
N ILE B 33 -1.53 -5.78 23.21
CA ILE B 33 -0.89 -5.80 24.51
C ILE B 33 -0.79 -7.27 24.91
N VAL B 34 0.34 -7.64 25.53
CA VAL B 34 0.65 -9.04 25.80
C VAL B 34 0.88 -9.23 27.29
N PRO B 35 0.13 -10.13 27.98
CA PRO B 35 0.38 -10.41 29.40
C PRO B 35 1.63 -11.26 29.62
N GLY B 36 2.21 -11.09 30.82
CA GLY B 36 3.39 -11.85 31.22
C GLY B 36 3.22 -13.34 30.99
N SER B 37 2.02 -13.86 31.32
CA SER B 37 1.66 -15.25 31.09
C SER B 37 2.37 -15.76 29.84
N LEU B 38 2.04 -15.12 28.71
CA LEU B 38 2.58 -15.50 27.42
C LEU B 38 4.07 -15.22 27.41
N ILE B 39 4.42 -13.96 27.65
CA ILE B 39 5.82 -13.57 27.61
C ILE B 39 6.65 -14.66 28.28
N ALA B 40 6.27 -15.00 29.52
CA ALA B 40 6.88 -16.10 30.26
C ALA B 40 6.83 -17.36 29.40
N SER B 41 5.61 -17.81 29.07
CA SER B 41 5.41 -19.05 28.34
C SER B 41 6.26 -19.05 27.07
N ILE B 42 6.23 -17.94 26.34
CA ILE B 42 7.01 -17.78 25.12
C ILE B 42 8.47 -18.06 25.44
N ALA B 43 8.98 -17.51 26.57
CA ALA B 43 10.39 -17.65 26.96
C ALA B 43 10.79 -18.83 27.88
N SER B 44 10.05 -19.06 28.97
CA SER B 44 10.39 -20.03 30.01
C SER B 44 9.75 -19.60 31.34
N CYS B 50 12.18 -13.07 36.19
CA CYS B 50 11.38 -13.17 34.95
C CYS B 50 10.45 -11.96 34.87
N ASN B 51 9.55 -11.85 35.86
CA ASN B 51 8.69 -10.69 35.98
C ASN B 51 9.51 -9.44 36.29
N LYS B 52 10.62 -9.61 37.02
CA LYS B 52 11.54 -8.52 37.31
C LYS B 52 12.10 -7.96 36.01
N VAL B 53 12.52 -8.88 35.12
CA VAL B 53 13.04 -8.52 33.81
C VAL B 53 12.13 -7.44 33.22
N LEU B 54 10.83 -7.78 33.16
CA LEU B 54 9.81 -6.87 32.65
C LEU B 54 9.95 -5.50 33.30
N ARG B 55 9.94 -5.46 34.64
CA ARG B 55 9.98 -4.21 35.39
C ARG B 55 11.12 -3.35 34.89
N GLU B 56 12.29 -3.97 34.65
CA GLU B 56 13.48 -3.26 34.23
C GLU B 56 13.28 -2.69 32.83
N LEU B 57 12.73 -3.50 31.92
CA LEU B 57 12.45 -3.09 30.55
C LEU B 57 11.51 -1.89 30.58
N VAL B 58 10.46 -1.96 31.40
CA VAL B 58 9.56 -0.84 31.59
C VAL B 58 10.39 0.36 32.02
N LYS B 59 11.25 0.15 33.01
CA LYS B 59 12.06 1.21 33.60
C LYS B 59 12.94 1.84 32.52
N HIS B 60 13.62 0.96 31.75
CA HIS B 60 14.46 1.37 30.62
C HIS B 60 13.63 1.91 29.46
N LYS B 61 12.29 2.02 29.60
CA LYS B 61 11.44 2.49 28.53
C LYS B 61 11.64 1.63 27.28
N LEU B 62 12.02 0.36 27.48
CA LEU B 62 12.15 -0.60 26.38
C LEU B 62 10.78 -1.15 26.00
N ILE B 63 9.97 -1.42 27.03
CA ILE B 63 8.60 -1.86 26.84
C ILE B 63 7.69 -0.91 27.63
N ALA B 64 6.39 -1.10 27.42
CA ALA B 64 5.35 -0.32 28.10
C ALA B 64 4.16 -1.23 28.42
N TRP B 65 3.81 -1.27 29.72
CA TRP B 65 2.66 -1.99 30.19
C TRP B 65 1.45 -1.05 30.16
N GLU B 66 0.26 -1.63 29.96
CA GLU B 66 -0.97 -0.86 29.91
C GLU B 66 -2.17 -1.75 30.25
N ARG B 67 -3.18 -1.15 30.92
CA ARG B 67 -4.40 -1.82 31.32
C ARG B 67 -5.61 -1.01 30.87
N THR B 68 -6.50 -1.61 30.07
CA THR B 68 -7.71 -0.90 29.66
C THR B 68 -8.87 -1.88 29.66
N LYS B 69 -10.09 -1.38 29.45
CA LYS B 69 -11.28 -2.21 29.43
C LYS B 69 -11.04 -3.47 30.27
N THR B 70 -10.74 -4.59 29.60
CA THR B 70 -10.44 -5.84 30.26
C THR B 70 -9.01 -6.25 29.92
N VAL B 71 -8.40 -5.50 28.99
CA VAL B 71 -7.06 -5.80 28.51
C VAL B 71 -6.05 -5.46 29.61
N GLN B 72 -5.02 -6.31 29.76
CA GLN B 72 -3.97 -6.11 30.74
C GLN B 72 -2.70 -6.84 30.29
N GLY B 73 -1.65 -6.09 29.92
CA GLY B 73 -0.43 -6.68 29.37
C GLY B 73 0.58 -5.62 28.91
N TYR B 74 1.64 -6.08 28.20
CA TYR B 74 2.75 -5.22 27.80
C TYR B 74 2.81 -5.02 26.28
N ARG B 75 3.46 -3.93 25.85
CA ARG B 75 3.72 -3.65 24.44
C ARG B 75 5.17 -3.18 24.27
N LEU B 76 5.68 -3.17 23.03
CA LEU B 76 7.04 -2.75 22.71
C LEU B 76 7.05 -1.24 22.41
N THR B 77 8.09 -0.54 22.90
CA THR B 77 8.32 0.87 22.58
C THR B 77 9.25 0.92 21.38
N ASN B 78 9.20 2.02 20.62
CA ASN B 78 10.06 2.19 19.46
C ASN B 78 11.48 1.77 19.82
N ALA B 79 11.93 2.29 20.97
CA ALA B 79 13.25 2.02 21.49
C ALA B 79 13.51 0.52 21.62
N GLY B 80 12.55 -0.18 22.23
CA GLY B 80 12.60 -1.64 22.30
C GLY B 80 12.96 -2.23 20.94
N TYR B 81 12.17 -1.85 19.91
CA TYR B 81 12.38 -2.32 18.56
C TYR B 81 13.81 -2.00 18.13
N ASP B 82 14.20 -0.75 18.29
CA ASP B 82 15.54 -0.31 17.95
C ASP B 82 16.57 -1.33 18.43
N TYR B 83 16.57 -1.62 19.73
CA TYR B 83 17.56 -2.53 20.32
C TYR B 83 17.51 -3.91 19.67
N LEU B 84 16.32 -4.53 19.66
CA LEU B 84 16.15 -5.83 19.06
C LEU B 84 16.95 -5.88 17.77
N ALA B 85 16.74 -4.86 16.92
CA ALA B 85 17.34 -4.80 15.61
C ALA B 85 18.86 -4.78 15.72
N LEU B 86 19.37 -3.75 16.40
CA LEU B 86 20.79 -3.56 16.55
C LEU B 86 21.46 -4.87 16.99
N LYS B 87 20.84 -5.54 17.99
CA LYS B 87 21.34 -6.80 18.48
C LYS B 87 21.45 -7.78 17.33
N THR B 88 20.34 -7.95 16.63
CA THR B 88 20.31 -8.83 15.48
C THR B 88 21.41 -8.40 14.48
N LEU B 89 21.70 -7.10 14.42
CA LEU B 89 22.64 -6.62 13.43
C LEU B 89 24.04 -6.92 13.93
N SER B 90 24.25 -6.73 15.24
CA SER B 90 25.49 -7.11 15.91
C SER B 90 25.84 -8.55 15.57
N SER B 91 24.86 -9.42 15.78
CA SER B 91 25.05 -10.84 15.57
C SER B 91 25.36 -11.19 14.12
N ARG B 92 25.61 -10.21 13.24
CA ARG B 92 26.05 -10.52 11.88
C ARG B 92 27.27 -9.69 11.52
N GLN B 93 27.88 -9.04 12.52
CA GLN B 93 29.04 -8.20 12.33
C GLN B 93 28.72 -6.97 11.49
N VAL B 94 27.42 -6.79 11.17
CA VAL B 94 27.03 -5.77 10.21
C VAL B 94 27.03 -4.42 10.92
N VAL B 95 26.66 -4.40 12.21
CA VAL B 95 26.68 -3.17 12.98
C VAL B 95 27.33 -3.43 14.33
N GLU B 96 28.39 -2.64 14.63
CA GLU B 96 29.11 -2.78 15.89
C GLU B 96 28.91 -1.55 16.78
N SER B 97 28.83 -0.36 16.16
CA SER B 97 28.84 0.90 16.87
C SER B 97 27.84 1.84 16.22
N VAL B 98 27.46 2.92 16.92
CA VAL B 98 26.41 3.80 16.43
C VAL B 98 26.80 5.27 16.60
N GLY B 99 26.99 5.98 15.49
CA GLY B 99 27.36 7.41 15.48
C GLY B 99 26.18 8.31 15.82
N ASN B 100 26.14 9.52 15.24
CA ASN B 100 25.13 10.51 15.59
C ASN B 100 24.02 10.60 14.54
N GLN B 101 22.78 10.76 15.00
CA GLN B 101 21.61 10.92 14.16
C GLN B 101 21.87 12.03 13.15
N MET B 102 21.70 11.72 11.86
CA MET B 102 22.09 12.63 10.81
C MET B 102 20.95 13.54 10.38
N GLY B 103 19.72 13.01 10.31
CA GLY B 103 18.59 13.84 9.94
C GLY B 103 17.30 13.43 10.64
N VAL B 104 16.38 14.41 10.80
CA VAL B 104 15.04 14.14 11.28
C VAL B 104 14.09 14.14 10.08
N GLY B 105 14.58 13.69 8.92
CA GLY B 105 14.07 14.14 7.63
C GLY B 105 13.03 13.22 7.00
N LYS B 106 12.23 12.56 7.84
CA LYS B 106 11.10 11.74 7.40
C LYS B 106 10.50 11.10 8.66
N GLU B 107 9.40 10.35 8.49
CA GLU B 107 8.96 9.36 9.47
C GLU B 107 10.03 8.26 9.57
N SER B 108 11.27 8.68 9.86
CA SER B 108 12.47 7.86 9.72
C SER B 108 13.68 8.57 10.33
N ASP B 109 14.41 7.85 11.19
CA ASP B 109 15.59 8.36 11.86
C ASP B 109 16.80 7.65 11.27
N ILE B 110 17.80 8.42 10.82
CA ILE B 110 18.95 7.90 10.08
C ILE B 110 20.23 8.21 10.84
N TYR B 111 21.09 7.20 10.98
CA TYR B 111 22.25 7.23 11.84
C TYR B 111 23.50 6.76 11.12
N ILE B 112 24.65 7.20 11.64
CA ILE B 112 25.92 6.67 11.22
C ILE B 112 26.19 5.43 12.03
N VAL B 113 26.82 4.42 11.43
CA VAL B 113 27.17 3.20 12.16
C VAL B 113 28.42 2.61 11.55
N ALA B 114 29.06 1.70 12.31
CA ALA B 114 30.24 0.99 11.84
C ALA B 114 30.23 -0.45 12.36
N ASN B 115 30.93 -1.32 11.61
CA ASN B 115 31.19 -2.70 11.99
C ASN B 115 32.51 -2.78 12.78
N GLU B 116 33.06 -3.99 12.91
CA GLU B 116 34.28 -4.20 13.67
C GLU B 116 35.43 -3.45 12.98
N GLU B 117 35.73 -3.86 11.74
CA GLU B 117 36.85 -3.31 10.97
C GLU B 117 36.78 -1.79 10.89
N GLY B 118 35.61 -1.22 11.17
CA GLY B 118 35.46 0.21 11.36
C GLY B 118 34.95 0.94 10.13
N GLN B 119 34.57 0.19 9.08
CA GLN B 119 33.96 0.77 7.89
C GLN B 119 32.59 1.35 8.25
N GLN B 120 32.25 2.49 7.64
CA GLN B 120 31.07 3.23 8.02
C GLN B 120 29.94 2.99 7.02
N PHE B 121 28.74 2.75 7.56
CA PHE B 121 27.54 2.69 6.75
C PHE B 121 26.47 3.53 7.43
N ALA B 122 25.30 3.65 6.77
CA ALA B 122 24.20 4.44 7.31
C ALA B 122 23.03 3.53 7.63
N LEU B 123 22.48 3.70 8.85
CA LEU B 123 21.33 2.93 9.30
C LEU B 123 20.08 3.80 9.23
N LYS B 124 19.07 3.33 8.48
CA LYS B 124 17.76 3.96 8.43
C LYS B 124 16.81 3.21 9.36
N LEU B 125 16.13 3.95 10.25
CA LEU B 125 15.17 3.34 11.13
C LEU B 125 13.81 3.94 10.82
N HIS B 126 12.84 3.07 10.49
CA HIS B 126 11.54 3.47 9.98
C HIS B 126 10.58 3.80 11.11
N ARG B 127 9.98 4.99 11.02
CA ARG B 127 9.24 5.57 12.14
C ARG B 127 7.84 5.99 11.70
N LEU B 128 7.12 5.03 11.13
CA LEU B 128 5.82 5.33 10.56
C LEU B 128 4.79 5.52 11.68
N GLY B 129 4.08 6.67 11.60
CA GLY B 129 3.22 7.16 12.66
C GLY B 129 3.56 8.60 13.04
N SER B 150 1.47 -3.03 15.19
CA SER B 150 0.84 -2.47 13.96
C SER B 150 1.84 -1.52 13.32
N TRP B 151 2.14 -0.41 14.00
CA TRP B 151 3.16 0.52 13.54
C TRP B 151 4.48 -0.24 13.36
N LEU B 152 4.78 -1.15 14.30
CA LEU B 152 5.97 -1.97 14.30
C LEU B 152 6.07 -2.78 13.00
N TYR B 153 4.89 -3.22 12.54
CA TYR B 153 4.73 -4.12 11.42
C TYR B 153 4.95 -3.37 10.10
N LEU B 154 4.14 -2.33 9.92
CA LEU B 154 4.16 -1.51 8.72
C LEU B 154 5.56 -0.98 8.50
N SER B 155 6.24 -0.65 9.61
CA SER B 155 7.62 -0.22 9.62
C SER B 155 8.54 -1.38 9.25
N ARG B 156 8.24 -2.58 9.76
CA ARG B 156 8.99 -3.75 9.33
C ARG B 156 8.96 -3.81 7.81
N LEU B 157 7.78 -3.55 7.22
CA LEU B 157 7.52 -3.82 5.81
C LEU B 157 7.89 -2.66 4.91
N SER B 158 7.85 -1.43 5.43
CA SER B 158 8.55 -0.33 4.77
C SER B 158 9.98 -0.76 4.45
N ALA B 159 10.71 -1.14 5.50
CA ALA B 159 12.09 -1.57 5.37
C ALA B 159 12.23 -2.59 4.25
N MET B 160 11.35 -3.60 4.23
CA MET B 160 11.46 -4.66 3.22
C MET B 160 11.39 -4.04 1.84
N LYS B 161 10.28 -3.35 1.57
CA LYS B 161 10.07 -2.62 0.32
C LYS B 161 11.33 -1.82 -0.02
N GLU B 162 11.81 -1.03 0.93
CA GLU B 162 12.94 -0.15 0.69
C GLU B 162 14.16 -0.96 0.26
N PHE B 163 14.41 -2.09 0.95
CA PHE B 163 15.55 -2.92 0.66
C PHE B 163 15.50 -3.40 -0.78
N ALA B 164 14.42 -4.09 -1.12
CA ALA B 164 14.24 -4.72 -2.42
C ALA B 164 14.29 -3.67 -3.53
N TYR B 165 13.46 -2.63 -3.39
CA TYR B 165 13.47 -1.48 -4.27
C TYR B 165 14.90 -1.01 -4.52
N MET B 166 15.63 -0.80 -3.41
CA MET B 166 16.95 -0.18 -3.45
C MET B 166 17.93 -1.14 -4.11
N LYS B 167 17.79 -2.42 -3.74
CA LYS B 167 18.55 -3.49 -4.39
C LYS B 167 18.35 -3.40 -5.90
N ALA B 168 17.11 -3.49 -6.34
CA ALA B 168 16.79 -3.46 -7.76
C ALA B 168 17.47 -2.28 -8.46
N LEU B 169 17.28 -1.08 -7.91
CA LEU B 169 17.79 0.13 -8.52
C LEU B 169 19.32 0.09 -8.57
N TYR B 170 19.92 -0.40 -7.47
CA TYR B 170 21.37 -0.48 -7.41
C TYR B 170 21.84 -1.31 -8.59
N GLU B 171 21.28 -2.52 -8.65
CA GLU B 171 21.61 -3.49 -9.68
C GLU B 171 21.29 -2.97 -11.07
N ARG B 172 20.35 -2.04 -11.20
CA ARG B 172 20.12 -1.43 -12.50
C ARG B 172 20.99 -0.18 -12.66
N LYS B 173 22.06 -0.08 -11.87
CA LYS B 173 23.05 0.98 -12.01
C LYS B 173 22.46 2.38 -11.85
N PHE B 174 21.62 2.56 -10.83
CA PHE B 174 21.06 3.87 -10.52
C PHE B 174 21.95 4.48 -9.45
N PRO B 175 21.94 5.82 -9.26
CA PRO B 175 22.66 6.45 -8.15
C PRO B 175 21.89 6.31 -6.83
N VAL B 176 22.06 5.14 -6.21
CA VAL B 176 21.45 4.84 -4.94
C VAL B 176 22.53 4.28 -4.02
N PRO B 177 22.36 4.48 -2.69
CA PRO B 177 23.16 3.75 -1.71
C PRO B 177 23.06 2.27 -2.06
N LYS B 178 24.20 1.59 -2.06
CA LYS B 178 24.21 0.15 -2.08
C LYS B 178 23.52 -0.34 -0.80
N PRO B 179 22.48 -1.19 -0.92
CA PRO B 179 21.84 -1.77 0.24
C PRO B 179 22.80 -2.80 0.82
N ILE B 180 22.80 -2.92 2.15
CA ILE B 180 23.71 -3.82 2.83
C ILE B 180 22.89 -4.90 3.50
N ASP B 181 22.01 -4.51 4.43
CA ASP B 181 21.12 -5.50 5.00
C ASP B 181 19.89 -4.82 5.56
N TYR B 182 18.94 -5.62 6.05
CA TYR B 182 17.83 -5.09 6.83
C TYR B 182 17.34 -6.12 7.83
N ASN B 183 16.68 -5.63 8.88
CA ASN B 183 15.96 -6.48 9.82
C ASN B 183 14.93 -5.61 10.54
N ARG B 184 13.70 -6.12 10.64
CA ARG B 184 12.61 -5.34 11.21
C ARG B 184 12.49 -3.99 10.49
N HIS B 185 12.46 -2.90 11.27
CA HIS B 185 12.25 -1.56 10.78
C HIS B 185 13.59 -0.92 10.40
N ALA B 186 14.63 -1.73 10.27
CA ALA B 186 15.99 -1.21 10.11
C ALA B 186 16.62 -1.63 8.79
N VAL B 187 17.18 -0.64 8.08
CA VAL B 187 17.86 -0.87 6.83
C VAL B 187 19.27 -0.29 6.91
N VAL B 188 20.25 -1.15 6.65
CA VAL B 188 21.64 -0.72 6.56
C VAL B 188 22.00 -0.56 5.09
N MET B 189 22.81 0.45 4.77
CA MET B 189 23.16 0.73 3.38
C MET B 189 24.43 1.55 3.33
N GLU B 190 25.02 1.60 2.13
CA GLU B 190 26.20 2.41 1.85
C GLU B 190 26.03 3.83 2.37
N LEU B 191 27.12 4.39 2.91
CA LEU B 191 27.08 5.75 3.44
C LEU B 191 27.71 6.70 2.44
N ILE B 192 26.88 7.43 1.70
CA ILE B 192 27.37 8.32 0.65
C ILE B 192 28.27 9.38 1.27
N ASN B 193 29.36 9.71 0.57
CA ASN B 193 30.28 10.77 0.96
C ASN B 193 29.89 12.06 0.27
N GLY B 194 28.98 12.81 0.91
CA GLY B 194 28.57 14.13 0.46
C GLY B 194 27.50 14.72 1.38
N TYR B 195 27.02 15.93 1.10
CA TYR B 195 26.02 16.53 1.96
C TYR B 195 24.66 16.58 1.29
N PRO B 196 23.57 16.40 2.06
CA PRO B 196 22.22 16.58 1.54
C PRO B 196 21.98 17.99 1.04
N LEU B 197 21.31 18.04 -0.11
CA LEU B 197 20.96 19.26 -0.79
C LEU B 197 20.27 20.26 0.15
N CYS B 198 19.56 19.80 1.18
CA CYS B 198 18.86 20.76 2.02
C CYS B 198 19.87 21.61 2.81
N GLN B 199 21.12 21.15 2.94
CA GLN B 199 22.14 21.91 3.64
C GLN B 199 23.23 22.39 2.69
N ILE B 200 22.83 22.76 1.48
CA ILE B 200 23.76 23.32 0.52
C ILE B 200 23.19 24.63 0.00
N HIS B 201 24.01 25.68 0.09
CA HIS B 201 23.55 27.04 -0.11
C HIS B 201 24.16 27.64 -1.37
N HIS B 202 25.06 26.89 -2.03
CA HIS B 202 25.64 27.37 -3.27
C HIS B 202 26.26 26.20 -4.01
N VAL B 203 26.20 26.30 -5.35
CA VAL B 203 26.79 25.33 -6.24
C VAL B 203 27.50 26.12 -7.34
N GLU B 204 28.60 25.54 -7.88
CA GLU B 204 29.33 26.17 -8.98
C GLU B 204 28.45 26.31 -10.23
N ASP B 205 28.02 25.18 -10.81
CA ASP B 205 27.14 25.19 -11.96
C ASP B 205 25.78 24.62 -11.56
N PRO B 206 24.84 25.44 -11.05
CA PRO B 206 23.50 24.96 -10.70
C PRO B 206 22.81 24.18 -11.81
N ALA B 207 22.77 24.79 -12.99
CA ALA B 207 22.22 24.19 -14.19
C ALA B 207 22.54 22.71 -14.30
N SER B 208 23.83 22.39 -14.17
CA SER B 208 24.26 21.04 -14.46
C SER B 208 23.66 20.11 -13.43
N VAL B 209 23.53 20.60 -12.18
CA VAL B 209 22.95 19.81 -11.11
C VAL B 209 21.47 19.61 -11.41
N TYR B 210 20.75 20.72 -11.49
CA TYR B 210 19.36 20.73 -11.91
C TYR B 210 19.12 19.73 -13.04
N ASP B 211 19.99 19.68 -14.06
CA ASP B 211 19.79 18.79 -15.19
C ASP B 211 20.10 17.34 -14.83
N GLU B 212 21.08 17.15 -13.93
CA GLU B 212 21.35 15.84 -13.37
C GLU B 212 20.10 15.33 -12.64
N ALA B 213 19.49 16.19 -11.81
CA ALA B 213 18.28 15.86 -11.09
C ALA B 213 17.13 15.52 -12.04
N MET B 214 16.90 16.44 -13.00
CA MET B 214 15.83 16.29 -13.96
C MET B 214 16.03 14.97 -14.70
N GLU B 215 17.26 14.69 -15.14
CA GLU B 215 17.51 13.44 -15.83
C GLU B 215 16.98 12.29 -14.98
N LEU B 216 17.44 12.26 -13.74
CA LEU B 216 17.21 11.14 -12.86
C LEU B 216 15.71 10.81 -12.79
N ILE B 217 14.91 11.87 -12.55
CA ILE B 217 13.46 11.80 -12.55
C ILE B 217 12.97 11.02 -13.77
N VAL B 218 13.46 11.48 -14.93
CA VAL B 218 13.13 10.90 -16.21
C VAL B 218 13.52 9.44 -16.18
N LYS B 219 14.83 9.18 -16.04
CA LYS B 219 15.35 7.84 -16.13
C LYS B 219 14.49 6.87 -15.30
N LEU B 220 14.00 7.35 -14.14
CA LEU B 220 13.10 6.57 -13.31
C LEU B 220 11.85 6.25 -14.10
N ALA B 221 11.10 7.29 -14.46
CA ALA B 221 9.89 7.14 -15.25
C ALA B 221 10.07 6.15 -16.40
N ASN B 222 11.21 6.21 -17.08
CA ASN B 222 11.50 5.37 -18.22
C ASN B 222 11.61 3.89 -17.86
N HIS B 223 12.01 3.57 -16.62
CA HIS B 223 11.94 2.19 -16.18
C HIS B 223 10.64 1.93 -15.43
N GLY B 224 9.77 2.93 -15.37
CA GLY B 224 8.38 2.72 -14.99
C GLY B 224 8.03 3.34 -13.64
N LEU B 225 8.89 4.23 -13.13
CA LEU B 225 8.88 4.63 -11.73
C LEU B 225 8.83 6.14 -11.50
N ILE B 226 8.25 6.46 -10.34
CA ILE B 226 8.18 7.83 -9.88
C ILE B 226 8.50 7.83 -8.38
N HIS B 227 9.60 8.51 -8.02
CA HIS B 227 10.10 8.55 -6.65
C HIS B 227 9.00 8.91 -5.66
N GLY B 228 8.26 9.97 -5.96
CA GLY B 228 7.10 10.37 -5.19
C GLY B 228 7.40 11.35 -4.05
N ASP B 229 8.62 11.29 -3.48
CA ASP B 229 9.06 12.23 -2.44
C ASP B 229 10.31 12.99 -2.91
N PHE B 230 10.56 13.01 -4.23
CA PHE B 230 11.76 13.62 -4.78
C PHE B 230 11.85 15.08 -4.37
N ASN B 231 12.81 15.40 -3.51
CA ASN B 231 12.92 16.71 -2.90
C ASN B 231 14.35 16.90 -2.40
N GLU B 232 14.60 18.05 -1.75
CA GLU B 232 15.92 18.43 -1.29
C GLU B 232 16.40 17.56 -0.14
N PHE B 233 15.50 16.78 0.45
CA PHE B 233 15.85 15.94 1.59
C PHE B 233 16.35 14.58 1.13
N ASN B 234 16.05 14.21 -0.11
CA ASN B 234 16.21 12.84 -0.56
C ASN B 234 17.22 12.79 -1.71
N LEU B 235 17.97 13.89 -1.87
CA LEU B 235 19.02 13.97 -2.87
C LEU B 235 20.33 14.44 -2.23
N ILE B 236 21.38 13.66 -2.46
CA ILE B 236 22.64 13.92 -1.80
C ILE B 236 23.65 14.30 -2.88
N LEU B 237 24.26 15.45 -2.66
CA LEU B 237 25.28 15.96 -3.56
C LEU B 237 26.63 15.46 -3.07
N ASP B 238 27.42 14.88 -3.98
CA ASP B 238 28.70 14.28 -3.60
C ASP B 238 29.80 15.33 -3.72
N GLU B 239 31.07 14.88 -3.62
CA GLU B 239 32.21 15.78 -3.67
C GLU B 239 32.28 16.51 -5.00
N SER B 240 31.83 15.85 -6.07
CA SER B 240 31.84 16.42 -7.40
C SER B 240 30.48 16.99 -7.79
N ASP B 241 29.57 17.17 -6.83
CA ASP B 241 28.22 17.66 -7.09
C ASP B 241 27.42 16.67 -7.96
N HIS B 242 27.58 15.37 -7.70
CA HIS B 242 26.77 14.32 -8.33
C HIS B 242 25.81 13.70 -7.32
N ILE B 243 24.62 13.35 -7.83
CA ILE B 243 23.42 13.18 -7.02
C ILE B 243 23.14 11.70 -6.73
N THR B 244 22.81 11.42 -5.46
CA THR B 244 22.34 10.11 -5.03
C THR B 244 20.96 10.27 -4.38
N MET B 245 20.09 9.28 -4.62
CA MET B 245 18.75 9.28 -4.10
C MET B 245 18.67 8.42 -2.85
N ILE B 246 17.74 8.69 -1.91
CA ILE B 246 17.79 7.88 -0.70
C ILE B 246 16.43 7.37 -0.23
N ASP B 247 15.33 8.12 -0.44
CA ASP B 247 14.07 7.63 0.13
C ASP B 247 13.35 6.77 -0.91
N PHE B 248 13.09 5.49 -0.58
CA PHE B 248 12.39 4.59 -1.50
C PHE B 248 11.06 4.23 -0.83
N PRO B 249 10.07 5.12 -0.96
CA PRO B 249 8.82 4.98 -0.24
C PRO B 249 7.72 4.60 -1.20
N GLN B 250 6.85 5.58 -1.51
CA GLN B 250 5.82 5.38 -2.50
C GLN B 250 6.44 4.84 -3.79
N MET B 251 7.58 5.40 -4.18
CA MET B 251 8.16 5.04 -5.44
C MET B 251 7.06 4.35 -6.29
N VAL B 252 6.01 5.10 -6.63
CA VAL B 252 4.86 4.62 -7.40
C VAL B 252 5.26 4.26 -8.83
N SER B 253 4.38 3.54 -9.53
CA SER B 253 4.62 3.20 -10.93
C SER B 253 4.04 4.28 -11.83
N THR B 254 4.54 4.30 -13.08
CA THR B 254 4.07 5.24 -14.09
C THR B 254 2.72 4.81 -14.66
N SER B 255 2.30 3.57 -14.36
CA SER B 255 0.98 3.06 -14.68
C SER B 255 -0.03 3.44 -13.59
N HIS B 256 0.42 4.12 -12.53
CA HIS B 256 -0.43 4.55 -11.45
C HIS B 256 -1.50 5.51 -11.97
N PRO B 257 -2.73 5.43 -11.41
CA PRO B 257 -3.77 6.45 -11.56
C PRO B 257 -3.30 7.89 -11.57
N ASN B 258 -2.47 8.28 -10.61
CA ASN B 258 -2.01 9.66 -10.54
C ASN B 258 -0.54 9.80 -10.95
N ALA B 259 -0.03 8.84 -11.72
CA ALA B 259 1.38 8.79 -12.08
C ALA B 259 1.88 10.17 -12.51
N GLU B 260 1.09 10.91 -13.30
CA GLU B 260 1.50 12.23 -13.74
C GLU B 260 1.64 13.22 -12.58
N TRP B 261 0.56 13.41 -11.81
CA TRP B 261 0.56 14.32 -10.69
C TRP B 261 1.79 14.14 -9.78
N TYR B 262 2.07 12.89 -9.41
CA TYR B 262 3.28 12.55 -8.69
C TYR B 262 4.49 13.12 -9.42
N PHE B 263 4.64 12.70 -10.67
CA PHE B 263 5.67 13.18 -11.56
C PHE B 263 5.76 14.69 -11.48
N ASP B 264 4.71 15.40 -11.88
CA ASP B 264 4.77 16.86 -11.89
C ASP B 264 5.11 17.39 -10.50
N ARG B 265 4.69 16.70 -9.44
CA ARG B 265 5.02 17.15 -8.10
C ARG B 265 6.53 17.12 -7.90
N ASP B 266 7.13 15.96 -8.17
CA ASP B 266 8.57 15.78 -8.00
C ASP B 266 9.33 16.90 -8.72
N VAL B 267 8.98 17.14 -9.98
CA VAL B 267 9.59 18.19 -10.79
C VAL B 267 9.46 19.54 -10.10
N LYS B 268 8.26 19.89 -9.63
CA LYS B 268 8.04 21.19 -8.99
C LYS B 268 9.01 21.38 -7.82
N CYS B 269 9.20 20.36 -6.98
CA CYS B 269 10.12 20.49 -5.84
C CYS B 269 11.43 21.10 -6.30
N ILE B 270 12.03 20.47 -7.31
CA ILE B 270 13.32 20.85 -7.85
C ILE B 270 13.27 22.30 -8.31
N LYS B 271 12.35 22.62 -9.22
CA LYS B 271 12.17 23.98 -9.70
C LYS B 271 12.12 24.93 -8.50
N ASP B 272 11.14 24.70 -7.61
CA ASP B 272 10.97 25.56 -6.45
C ASP B 272 12.29 25.69 -5.69
N PHE B 273 12.93 24.54 -5.44
CA PHE B 273 14.11 24.53 -4.63
C PHE B 273 15.18 25.47 -5.19
N PHE B 274 15.42 25.39 -6.50
CA PHE B 274 16.48 26.19 -7.10
C PHE B 274 16.03 27.64 -7.20
N MET B 275 14.78 27.90 -7.59
CA MET B 275 14.32 29.28 -7.57
C MET B 275 14.03 29.61 -6.12
N LYS B 276 15.08 29.65 -5.30
CA LYS B 276 14.92 29.88 -3.86
C LYS B 276 16.27 29.80 -3.19
N ARG B 277 16.87 28.62 -3.22
CA ARG B 277 18.19 28.42 -2.63
C ARG B 277 19.25 29.01 -3.56
N PHE B 278 19.09 28.78 -4.88
CA PHE B 278 20.10 29.10 -5.86
C PHE B 278 19.67 30.19 -6.84
N SER B 279 18.42 30.64 -6.76
CA SER B 279 17.86 31.57 -7.73
C SER B 279 18.14 31.10 -9.16
N TYR B 280 17.96 29.79 -9.43
CA TYR B 280 18.11 29.26 -10.78
C TYR B 280 16.75 28.92 -11.36
N GLU B 281 16.60 29.13 -12.67
CA GLU B 281 15.33 28.92 -13.34
C GLU B 281 15.62 28.61 -14.80
N SER B 282 15.38 27.35 -15.16
CA SER B 282 15.47 26.87 -16.52
C SER B 282 14.08 26.47 -17.00
N GLU B 283 13.94 26.36 -18.33
CA GLU B 283 12.70 25.96 -18.96
C GLU B 283 12.88 24.56 -19.54
N LEU B 284 13.92 23.83 -19.06
CA LEU B 284 14.13 22.46 -19.51
C LEU B 284 13.43 21.45 -18.57
N PHE B 285 12.15 21.71 -18.27
CA PHE B 285 11.33 20.78 -17.51
C PHE B 285 11.18 19.48 -18.30
N PRO B 286 11.13 18.29 -17.66
CA PRO B 286 10.53 17.12 -18.29
C PRO B 286 9.02 17.10 -18.09
N THR B 287 8.33 16.49 -19.07
CA THR B 287 6.90 16.25 -19.00
C THR B 287 6.66 14.74 -19.11
N PHE B 288 5.63 14.30 -18.36
CA PHE B 288 5.18 12.92 -18.38
C PHE B 288 4.87 12.49 -19.82
N LYS B 289 4.68 13.47 -20.70
CA LYS B 289 4.52 13.23 -22.13
C LYS B 289 5.81 12.68 -22.77
N ASP B 290 6.96 12.90 -22.13
CA ASP B 290 8.24 12.65 -22.76
C ASP B 290 8.76 11.25 -22.46
N ILE B 291 7.91 10.27 -22.15
CA ILE B 291 8.40 9.14 -21.38
C ILE B 291 8.43 7.88 -22.24
N ARG B 292 9.65 7.34 -22.44
CA ARG B 292 9.91 6.20 -23.30
C ARG B 292 10.20 4.97 -22.46
N ARG B 293 9.13 4.26 -22.08
CA ARG B 293 9.26 3.06 -21.26
C ARG B 293 10.24 2.09 -21.90
N GLU B 294 11.29 1.75 -21.14
CA GLU B 294 12.40 0.93 -21.61
C GLU B 294 12.55 -0.33 -20.75
N ASP B 295 11.93 -0.32 -19.57
CA ASP B 295 12.04 -1.41 -18.61
C ASP B 295 10.66 -1.53 -17.96
N THR B 296 10.48 -2.61 -17.18
CA THR B 296 9.27 -2.84 -16.41
C THR B 296 9.65 -2.97 -14.93
N LEU B 297 10.47 -2.04 -14.43
CA LEU B 297 10.85 -2.10 -13.03
C LEU B 297 9.65 -2.05 -12.10
N ASP B 298 8.70 -1.15 -12.42
CA ASP B 298 7.45 -1.08 -11.69
C ASP B 298 6.89 -2.49 -11.46
N VAL B 299 6.90 -3.29 -12.53
CA VAL B 299 6.43 -4.65 -12.48
C VAL B 299 7.32 -5.50 -11.55
N GLU B 300 8.63 -5.57 -11.82
CA GLU B 300 9.53 -6.39 -11.03
C GLU B 300 9.28 -6.20 -9.53
N VAL B 301 9.03 -4.97 -9.08
CA VAL B 301 8.99 -4.71 -7.65
C VAL B 301 7.60 -4.30 -7.16
N SER B 302 6.64 -4.21 -8.08
CA SER B 302 5.25 -4.02 -7.70
C SER B 302 5.01 -2.75 -6.87
N ALA B 303 5.03 -1.58 -7.51
CA ALA B 303 4.80 -0.35 -6.81
C ALA B 303 3.70 0.40 -7.53
N SER B 304 2.46 -0.07 -7.46
CA SER B 304 1.43 0.32 -8.41
C SER B 304 1.76 -0.31 -9.76
N GLY B 305 0.83 -0.54 -10.68
CA GLY B 305 1.26 -1.16 -11.92
C GLY B 305 0.29 -2.20 -12.47
N TYR B 306 0.69 -2.82 -13.58
CA TYR B 306 -0.22 -3.58 -14.44
C TYR B 306 0.52 -4.79 -15.02
N THR B 307 -0.25 -5.80 -15.45
CA THR B 307 0.21 -7.07 -16.00
C THR B 307 1.50 -6.89 -16.77
N1 A1IBA C . -3.03 -3.38 -2.60
N3 A1IBA C . -6.89 -4.33 4.85
C4 A1IBA C . -3.76 -3.53 -1.40
C5 A1IBA C . -4.43 -4.72 -1.12
C6 A1IBA C . -5.11 -4.87 0.07
C7 A1IBA C . -5.13 -3.85 1.02
C8 A1IBA C . -5.84 -4.04 2.31
C10 A1IBA C . -7.69 -4.55 3.75
C13 A1IBA C . -9.40 -5.01 1.60
C15 A1IBA C . -7.21 -4.42 2.43
C17 A1IBA C . -3.73 -2.53 -0.43
C1 A1IBA C . -1.27 -5.97 -4.27
C2 A1IBA C . -1.52 -4.63 -3.85
C3 A1IBA C . -2.91 -4.28 -3.59
O1 A1IBA C . -3.86 -4.82 -4.22
N2 A1IBA C . -5.09 -3.84 3.38
C9 A1IBA C . -5.64 -4.01 4.60
C11 A1IBA C . -9.03 -4.93 3.97
C12 A1IBA C . -9.86 -5.15 2.92
C14 A1IBA C . -8.10 -4.66 1.37
C16 A1IBA C . -4.41 -2.69 0.76
N1 A1IBA D . 18.91 15.39 5.98
N3 A1IBA D . 24.87 9.94 3.58
C4 A1IBA D . 19.92 14.54 5.53
C5 A1IBA D . 19.96 14.06 4.24
C6 A1IBA D . 20.91 13.14 3.86
C7 A1IBA D . 21.78 12.58 4.79
C8 A1IBA D . 22.81 11.57 4.39
C10 A1IBA D . 23.61 9.40 3.74
C13 A1IBA D . 21.11 8.22 4.05
C15 A1IBA D . 22.52 10.19 4.17
C17 A1IBA D . 20.76 13.97 6.48
C1 A1IBA D . 18.49 17.96 3.64
C2 A1IBA D . 19.05 17.24 4.61
C3 A1IBA D . 18.25 16.34 5.34
O1 A1IBA D . 17.02 16.34 5.27
N2 A1IBA D . 24.03 12.06 4.21
C9 A1IBA D . 24.99 11.22 3.82
C11 A1IBA D . 23.43 8.02 3.48
C12 A1IBA D . 22.21 7.45 3.62
C14 A1IBA D . 21.25 9.56 4.31
C16 A1IBA D . 21.70 13.03 6.10
#